data_6WW6
#
_entry.id   6WW6
#
_cell.length_a   258.483
_cell.length_b   258.483
_cell.length_c   258.483
_cell.angle_alpha   90.000
_cell.angle_beta   90.000
_cell.angle_gamma   90.000
#
_symmetry.space_group_name_H-M   'I 41 3 2'
#
loop_
_entity.id
_entity.type
_entity.pdbx_description
1 polymer 'Response regulator'
2 polymer 'eutP P2'
3 non-polymer 'BERYLLIUM TRIFLUORIDE ION'
#
loop_
_entity_poly.entity_id
_entity_poly.type
_entity_poly.pdbx_seq_one_letter_code
_entity_poly.pdbx_strand_id
1 'polypeptide(L)'
;SNMDGRIVIVDDEPITRLDIRDIVIEAGYEVVGEAADGFEAIEVCKKTQPDLVLMDIQMPILDGLKAGKKIVQDQLASSI
VFLSAYSDVQNTDKAKKLGALGYLVKPLDEKSLIPTIEMSIERGKQTQLLLSQIDKLSLKLEERKIIEKAKGILVKENHI
SEEEAYQMLRTLSMNKRARMSEIAELIVMDDE
;
A,B
2 'polyribonucleotide' GGGAAUCAGAAACACAAUGGCGUGUUUUAACAAAUCGGCAAAGGAGCCCAAGAC E,F,D,C
#
# COMPACT_ATOMS: atom_id res chain seq x y z
N ASN A 2 -26.45 -5.15 4.83
CA ASN A 2 -26.00 -5.00 3.43
C ASN A 2 -24.72 -4.17 3.31
N MET A 3 -24.09 -4.23 2.12
CA MET A 3 -22.77 -3.65 1.91
C MET A 3 -22.73 -2.18 2.34
N ASP A 4 -21.54 -1.76 2.74
CA ASP A 4 -21.26 -0.41 3.24
C ASP A 4 -20.04 0.14 2.51
N GLY A 5 -20.17 1.36 1.98
CA GLY A 5 -19.11 2.02 1.22
C GLY A 5 -19.61 3.21 0.43
N ARG A 6 -18.75 4.22 0.23
CA ARG A 6 -19.13 5.46 -0.44
C ARG A 6 -18.43 5.57 -1.80
N ILE A 7 -19.22 5.71 -2.86
CA ILE A 7 -18.78 5.44 -4.23
C ILE A 7 -19.08 6.64 -5.13
N VAL A 8 -18.17 6.91 -6.07
CA VAL A 8 -18.36 7.91 -7.12
C VAL A 8 -18.24 7.25 -8.49
N ILE A 9 -19.17 7.61 -9.38
CA ILE A 9 -19.34 6.97 -10.68
C ILE A 9 -18.97 7.96 -11.78
N VAL A 10 -18.11 7.52 -12.71
CA VAL A 10 -17.62 8.40 -13.77
C VAL A 10 -17.65 7.71 -15.12
N ASP A 11 -18.52 8.17 -16.01
CA ASP A 11 -18.47 7.77 -17.40
C ASP A 11 -19.22 8.82 -18.20
N ASP A 12 -18.82 8.98 -19.47
CA ASP A 12 -19.43 10.02 -20.30
C ASP A 12 -20.78 9.57 -20.85
N GLU A 13 -20.99 8.27 -20.94
CA GLU A 13 -22.27 7.68 -21.35
C GLU A 13 -23.17 7.52 -20.13
N PRO A 14 -24.17 8.39 -19.97
CA PRO A 14 -25.04 8.28 -18.79
C PRO A 14 -25.74 6.94 -18.70
N ILE A 15 -26.01 6.31 -19.85
CA ILE A 15 -26.66 4.99 -19.85
C ILE A 15 -25.89 3.99 -19.00
N THR A 16 -24.56 3.93 -19.17
CA THR A 16 -23.74 3.02 -18.38
C THR A 16 -23.66 3.51 -16.93
N ARG A 17 -23.57 4.83 -16.76
CA ARG A 17 -23.51 5.44 -15.45
C ARG A 17 -24.71 5.05 -14.60
N LEU A 18 -25.91 5.07 -15.19
CA LEU A 18 -27.14 4.66 -14.51
C LEU A 18 -27.26 3.14 -14.34
N ASP A 19 -26.72 2.34 -15.26
CA ASP A 19 -26.67 0.90 -14.99
C ASP A 19 -25.88 0.62 -13.72
N ILE A 20 -24.72 1.25 -13.59
CA ILE A 20 -23.90 1.07 -12.40
C ILE A 20 -24.65 1.59 -11.18
N ARG A 21 -25.26 2.77 -11.31
CA ARG A 21 -25.96 3.36 -10.18
C ARG A 21 -27.02 2.41 -9.63
N ASP A 22 -27.78 1.75 -10.51
CA ASP A 22 -28.76 0.78 -10.02
C ASP A 22 -28.10 -0.36 -9.27
N ILE A 23 -27.08 -0.99 -9.89
CA ILE A 23 -26.48 -2.17 -9.26
C ILE A 23 -25.94 -1.82 -7.88
N VAL A 24 -25.20 -0.72 -7.82
CA VAL A 24 -24.51 -0.32 -6.59
C VAL A 24 -25.48 0.03 -5.48
N ILE A 25 -26.54 0.77 -5.79
CA ILE A 25 -27.48 1.13 -4.73
C ILE A 25 -28.31 -0.07 -4.30
N GLU A 26 -28.64 -0.97 -5.23
CA GLU A 26 -29.34 -2.20 -4.87
C GLU A 26 -28.51 -3.00 -3.87
N ALA A 27 -27.20 -3.08 -4.10
CA ALA A 27 -26.32 -3.76 -3.15
C ALA A 27 -26.28 -3.02 -1.81
N GLY A 28 -26.44 -1.70 -1.83
CA GLY A 28 -26.66 -0.94 -0.62
C GLY A 28 -25.60 0.12 -0.37
N TYR A 29 -24.64 0.28 -1.27
CA TYR A 29 -23.67 1.35 -1.16
C TYR A 29 -24.37 2.70 -1.18
N GLU A 30 -23.60 3.74 -0.87
CA GLU A 30 -24.00 5.14 -1.03
C GLU A 30 -23.30 5.71 -2.26
N VAL A 31 -24.07 6.08 -3.29
CA VAL A 31 -23.53 6.81 -4.43
C VAL A 31 -23.58 8.30 -4.11
N VAL A 32 -22.41 8.88 -3.88
CA VAL A 32 -22.32 10.24 -3.39
C VAL A 32 -22.12 11.27 -4.50
N GLY A 33 -21.63 10.86 -5.67
CA GLY A 33 -21.45 11.80 -6.77
C GLY A 33 -21.22 11.09 -8.09
N GLU A 34 -21.31 11.88 -9.15
CA GLU A 34 -21.18 11.40 -10.52
C GLU A 34 -20.42 12.44 -11.33
N ALA A 35 -19.74 11.99 -12.38
CA ALA A 35 -19.10 12.93 -13.29
C ALA A 35 -19.11 12.40 -14.71
N ALA A 36 -19.11 13.34 -15.66
CA ALA A 36 -19.12 13.03 -17.08
C ALA A 36 -17.80 13.34 -17.79
N ASP A 37 -16.81 13.88 -17.07
CA ASP A 37 -15.51 14.19 -17.63
C ASP A 37 -14.50 14.28 -16.49
N GLY A 38 -13.22 14.22 -16.84
CA GLY A 38 -12.19 14.21 -15.81
C GLY A 38 -12.18 15.41 -14.87
N PHE A 39 -12.57 16.60 -15.35
CA PHE A 39 -12.57 17.76 -14.46
C PHE A 39 -13.71 17.74 -13.45
N GLU A 40 -14.92 17.39 -13.89
CA GLU A 40 -15.99 17.17 -12.92
C GLU A 40 -15.62 16.05 -11.96
N ALA A 41 -14.95 15.01 -12.45
CA ALA A 41 -14.55 13.92 -11.57
C ALA A 41 -13.57 14.40 -10.50
N ILE A 42 -12.58 15.22 -10.88
CA ILE A 42 -11.63 15.74 -9.89
C ILE A 42 -12.34 16.59 -8.86
N GLU A 43 -13.17 17.55 -9.30
CA GLU A 43 -13.82 18.42 -8.32
C GLU A 43 -14.80 17.66 -7.43
N VAL A 44 -15.50 16.66 -8.00
CA VAL A 44 -16.39 15.86 -7.18
C VAL A 44 -15.62 15.09 -6.12
N CYS A 45 -14.52 14.42 -6.50
CA CYS A 45 -13.75 13.70 -5.47
C CYS A 45 -13.21 14.67 -4.43
N LYS A 46 -12.68 15.81 -4.88
CA LYS A 46 -12.11 16.77 -3.94
C LYS A 46 -13.13 17.14 -2.88
N LYS A 47 -14.38 17.38 -3.28
CA LYS A 47 -15.44 17.67 -2.31
C LYS A 47 -15.85 16.42 -1.52
N THR A 48 -15.97 15.29 -2.21
CA THR A 48 -16.56 14.06 -1.69
C THR A 48 -15.66 13.28 -0.72
N GLN A 49 -14.39 13.09 -1.09
CA GLN A 49 -13.49 12.10 -0.49
C GLN A 49 -14.12 10.71 -0.41
N PRO A 50 -14.36 10.08 -1.57
CA PRO A 50 -15.02 8.77 -1.61
C PRO A 50 -14.08 7.60 -1.31
N ASP A 51 -14.69 6.46 -0.99
CA ASP A 51 -13.92 5.24 -0.81
C ASP A 51 -13.49 4.63 -2.13
N LEU A 52 -14.34 4.72 -3.17
CA LEU A 52 -14.02 4.17 -4.48
C LEU A 52 -14.50 5.09 -5.60
N VAL A 53 -13.68 5.22 -6.66
CA VAL A 53 -14.08 5.86 -7.90
C VAL A 53 -14.07 4.84 -9.04
N LEU A 54 -15.21 4.71 -9.72
CA LEU A 54 -15.35 3.87 -10.89
C LEU A 54 -15.30 4.77 -12.12
N MET A 55 -14.35 4.57 -13.03
CA MET A 55 -14.31 5.49 -14.15
C MET A 55 -13.82 4.85 -15.44
N ASP A 56 -14.31 5.39 -16.55
CA ASP A 56 -13.91 5.03 -17.90
C ASP A 56 -12.64 5.79 -18.29
N ILE A 57 -11.80 5.11 -19.07
CA ILE A 57 -10.64 5.75 -19.67
C ILE A 57 -11.06 6.77 -20.71
N GLN A 58 -11.94 6.42 -21.64
CA GLN A 58 -12.23 7.32 -22.78
C GLN A 58 -13.32 8.30 -22.38
N MET A 59 -12.94 9.53 -22.12
CA MET A 59 -13.87 10.60 -21.72
C MET A 59 -13.43 11.86 -22.45
N PRO A 60 -14.29 12.88 -22.57
CA PRO A 60 -13.87 14.13 -23.15
C PRO A 60 -13.06 14.91 -22.13
N ILE A 61 -12.29 15.92 -22.55
CA ILE A 61 -11.54 16.83 -21.65
C ILE A 61 -10.32 16.12 -21.06
N LEU A 62 -10.52 15.08 -20.26
CA LEU A 62 -9.40 14.41 -19.57
C LEU A 62 -9.73 12.93 -19.41
N ASP A 63 -8.91 12.08 -20.00
CA ASP A 63 -9.11 10.64 -19.87
C ASP A 63 -8.97 10.25 -18.41
N GLY A 64 -9.71 9.22 -18.04
CA GLY A 64 -9.69 8.73 -16.69
C GLY A 64 -8.30 8.40 -16.17
N LEU A 65 -7.39 8.01 -17.07
CA LEU A 65 -6.01 7.80 -16.63
C LEU A 65 -5.41 9.05 -16.00
N LYS A 66 -5.50 10.19 -16.68
CA LYS A 66 -4.86 11.41 -16.17
C LYS A 66 -5.63 11.98 -14.98
N ALA A 67 -6.96 11.93 -15.02
CA ALA A 67 -7.75 12.33 -13.86
C ALA A 67 -7.49 11.42 -12.66
N GLY A 68 -7.35 10.12 -12.92
CA GLY A 68 -7.04 9.20 -11.85
C GLY A 68 -5.66 9.45 -11.27
N LYS A 69 -4.71 9.80 -12.15
CA LYS A 69 -3.38 10.16 -11.69
C LYS A 69 -3.45 11.33 -10.73
N LYS A 70 -4.20 12.37 -11.09
CA LYS A 70 -4.37 13.51 -10.18
C LYS A 70 -5.06 13.08 -8.89
N ILE A 71 -6.13 12.29 -9.02
CA ILE A 71 -6.89 11.84 -7.86
C ILE A 71 -6.01 11.11 -6.86
N VAL A 72 -5.22 10.15 -7.34
CA VAL A 72 -4.37 9.37 -6.44
C VAL A 72 -3.19 10.20 -5.94
N GLN A 73 -2.63 11.08 -6.77
CA GLN A 73 -1.51 11.90 -6.30
C GLN A 73 -1.95 12.78 -5.14
N ASP A 74 -3.06 13.52 -5.30
CA ASP A 74 -3.58 14.36 -4.23
C ASP A 74 -4.22 13.53 -3.10
N GLN A 75 -4.62 12.27 -3.38
CA GLN A 75 -5.30 11.40 -2.41
C GLN A 75 -6.72 11.88 -2.13
N LEU A 76 -7.43 12.19 -3.21
CA LEU A 76 -8.82 12.60 -3.15
C LEU A 76 -9.76 11.43 -2.91
N ALA A 77 -9.31 10.20 -3.17
CA ALA A 77 -10.10 8.99 -2.96
C ALA A 77 -9.22 7.83 -2.49
N SER A 78 -9.81 6.95 -1.68
CA SER A 78 -9.04 5.85 -1.08
C SER A 78 -8.64 4.79 -2.11
N SER A 79 -9.56 4.39 -2.99
CA SER A 79 -9.26 3.40 -4.02
C SER A 79 -9.92 3.80 -5.33
N ILE A 80 -9.41 3.27 -6.44
CA ILE A 80 -9.91 3.61 -7.76
C ILE A 80 -9.90 2.37 -8.63
N VAL A 81 -10.96 2.19 -9.40
CA VAL A 81 -11.10 1.05 -10.31
C VAL A 81 -11.60 1.56 -11.64
N PHE A 82 -10.92 1.19 -12.71
CA PHE A 82 -11.33 1.57 -14.05
C PHE A 82 -12.31 0.55 -14.59
N LEU A 83 -13.17 1.00 -15.49
CA LEU A 83 -13.73 0.12 -16.50
C LEU A 83 -13.79 0.80 -17.86
N SER A 84 -13.24 0.15 -18.87
CA SER A 84 -13.35 0.62 -20.24
C SER A 84 -13.33 -0.58 -21.17
N ALA A 85 -13.79 -0.34 -22.40
CA ALA A 85 -13.59 -1.33 -23.45
C ALA A 85 -12.14 -1.36 -23.92
N TYR A 86 -11.33 -0.39 -23.49
CA TYR A 86 -9.91 -0.36 -23.79
C TYR A 86 -9.15 -1.19 -22.78
N SER A 87 -8.35 -2.14 -23.30
CA SER A 87 -7.58 -3.06 -22.48
C SER A 87 -6.23 -3.32 -23.12
N ASP A 88 -5.81 -2.48 -24.07
CA ASP A 88 -4.49 -2.61 -24.65
C ASP A 88 -3.43 -2.37 -23.58
N VAL A 89 -2.26 -2.97 -23.80
CA VAL A 89 -1.23 -3.07 -22.77
C VAL A 89 -0.72 -1.69 -22.36
N GLN A 90 -0.71 -0.73 -23.29
CA GLN A 90 -0.38 0.65 -22.92
C GLN A 90 -1.30 1.18 -21.83
N ASN A 91 -2.61 1.00 -22.00
CA ASN A 91 -3.56 1.51 -21.02
C ASN A 91 -3.52 0.67 -19.74
N THR A 92 -3.23 -0.61 -19.86
CA THR A 92 -3.11 -1.45 -18.67
C THR A 92 -1.92 -1.05 -17.81
N ASP A 93 -0.75 -0.92 -18.43
CA ASP A 93 0.43 -0.47 -17.68
C ASP A 93 0.18 0.90 -17.05
N LYS A 94 -0.41 1.84 -17.79
CA LYS A 94 -0.63 3.18 -17.23
C LYS A 94 -1.56 3.12 -16.02
N ALA A 95 -2.63 2.34 -16.11
CA ALA A 95 -3.53 2.21 -14.96
C ALA A 95 -2.87 1.54 -13.76
N LYS A 96 -2.06 0.51 -13.98
CA LYS A 96 -1.42 -0.14 -12.84
C LYS A 96 -0.37 0.75 -12.20
N LYS A 97 0.39 1.50 -13.01
CA LYS A 97 1.44 2.37 -12.50
C LYS A 97 0.86 3.49 -11.65
N LEU A 98 -0.20 4.15 -12.12
CA LEU A 98 -0.76 5.24 -11.31
C LEU A 98 -1.38 4.73 -10.02
N GLY A 99 -1.90 3.50 -10.00
CA GLY A 99 -2.21 2.85 -8.73
C GLY A 99 -3.61 2.31 -8.61
N ALA A 100 -4.18 1.88 -9.73
CA ALA A 100 -5.49 1.25 -9.71
C ALA A 100 -5.47 -0.06 -8.93
N LEU A 101 -6.59 -0.33 -8.23
CA LEU A 101 -6.79 -1.55 -7.48
C LEU A 101 -7.64 -2.60 -8.21
N GLY A 102 -8.16 -2.25 -9.38
CA GLY A 102 -8.88 -3.19 -10.22
C GLY A 102 -9.13 -2.55 -11.57
N TYR A 103 -9.41 -3.40 -12.54
CA TYR A 103 -9.63 -2.94 -13.91
C TYR A 103 -10.56 -3.94 -14.56
N LEU A 104 -11.75 -3.50 -14.96
CA LEU A 104 -12.74 -4.37 -15.57
C LEU A 104 -13.01 -3.92 -16.99
N VAL A 105 -13.30 -4.86 -17.87
CA VAL A 105 -13.47 -4.58 -19.29
C VAL A 105 -14.94 -4.58 -19.65
N LYS A 106 -15.36 -3.55 -20.38
CA LYS A 106 -16.73 -3.44 -20.88
C LYS A 106 -17.01 -4.55 -21.90
N PRO A 107 -18.28 -4.95 -22.06
CA PRO A 107 -19.42 -4.70 -21.17
C PRO A 107 -19.25 -5.42 -19.85
N LEU A 108 -19.50 -4.71 -18.77
CA LEU A 108 -19.04 -5.14 -17.46
C LEU A 108 -19.78 -6.41 -17.02
N ASP A 109 -19.06 -7.23 -16.25
CA ASP A 109 -19.64 -8.39 -15.59
C ASP A 109 -20.41 -7.91 -14.37
N GLU A 110 -21.72 -7.74 -14.53
CA GLU A 110 -22.55 -7.28 -13.42
C GLU A 110 -22.48 -8.23 -12.22
N LYS A 111 -22.04 -9.47 -12.42
CA LYS A 111 -21.82 -10.42 -11.34
C LYS A 111 -20.53 -10.17 -10.57
N SER A 112 -19.42 -9.92 -11.27
CA SER A 112 -18.12 -9.68 -10.65
C SER A 112 -18.02 -8.32 -9.97
N LEU A 113 -18.78 -7.33 -10.44
CA LEU A 113 -18.58 -5.95 -10.01
C LEU A 113 -18.61 -5.78 -8.50
N ILE A 114 -19.61 -6.30 -7.83
CA ILE A 114 -19.77 -6.03 -6.40
C ILE A 114 -18.64 -6.66 -5.59
N PRO A 115 -18.26 -7.91 -5.87
CA PRO A 115 -17.03 -8.45 -5.24
C PRO A 115 -15.80 -7.59 -5.45
N THR A 116 -15.55 -7.17 -6.70
CA THR A 116 -14.35 -6.37 -6.95
C THR A 116 -14.45 -5.02 -6.23
N ILE A 117 -15.66 -4.49 -6.07
CA ILE A 117 -15.86 -3.29 -5.27
C ILE A 117 -15.42 -3.54 -3.83
N GLU A 118 -15.89 -4.62 -3.22
CA GLU A 118 -15.51 -4.89 -1.84
C GLU A 118 -13.99 -5.03 -1.69
N MET A 119 -13.34 -5.81 -2.57
CA MET A 119 -11.89 -5.92 -2.50
C MET A 119 -11.20 -4.57 -2.64
N SER A 120 -11.62 -3.76 -3.61
CA SER A 120 -10.92 -2.52 -3.88
C SER A 120 -11.07 -1.53 -2.75
N ILE A 121 -12.22 -1.54 -2.08
CA ILE A 121 -12.41 -0.69 -0.92
C ILE A 121 -11.52 -1.13 0.23
N GLU A 122 -11.47 -2.43 0.52
CA GLU A 122 -10.70 -2.87 1.68
C GLU A 122 -9.20 -2.65 1.46
N ARG A 123 -8.67 -3.13 0.33
CA ARG A 123 -7.24 -2.92 0.06
C ARG A 123 -6.90 -1.44 -0.02
N GLY A 124 -7.83 -0.61 -0.48
CA GLY A 124 -7.60 0.83 -0.41
C GLY A 124 -7.42 1.33 1.00
N LYS A 125 -8.30 0.89 1.91
CA LYS A 125 -8.19 1.29 3.31
C LYS A 125 -6.88 0.83 3.92
N GLN A 126 -6.54 -0.44 3.75
CA GLN A 126 -5.29 -0.96 4.33
C GLN A 126 -4.06 -0.22 3.79
N THR A 127 -4.06 0.09 2.49
CA THR A 127 -2.97 0.89 1.91
C THR A 127 -2.89 2.28 2.55
N GLN A 128 -4.03 2.91 2.84
CA GLN A 128 -4.04 4.18 3.56
C GLN A 128 -3.52 4.03 4.98
N LEU A 129 -3.79 2.89 5.64
CA LEU A 129 -3.23 2.65 6.96
C LEU A 129 -1.72 2.56 6.92
N LEU A 130 -1.17 1.83 5.96
CA LEU A 130 0.28 1.75 5.87
C LEU A 130 0.89 3.12 5.63
N LEU A 131 0.31 3.90 4.71
CA LEU A 131 0.83 5.24 4.48
C LEU A 131 0.80 6.09 5.75
N SER A 132 -0.25 5.92 6.58
CA SER A 132 -0.31 6.68 7.82
C SER A 132 0.73 6.20 8.82
N GLN A 133 1.00 4.89 8.85
CA GLN A 133 2.03 4.37 9.74
C GLN A 133 3.43 4.83 9.32
N ILE A 134 3.70 4.83 8.02
CA ILE A 134 4.96 5.35 7.49
C ILE A 134 5.11 6.83 7.84
N ASP A 135 4.04 7.60 7.63
CA ASP A 135 4.01 9.00 8.00
C ASP A 135 4.29 9.20 9.49
N LYS A 136 3.64 8.42 10.34
CA LYS A 136 3.80 8.56 11.78
C LYS A 136 5.20 8.22 12.24
N LEU A 137 5.77 7.10 11.76
CA LEU A 137 7.14 6.74 12.12
C LEU A 137 8.15 7.77 11.62
N SER A 138 8.07 8.15 10.34
CA SER A 138 9.05 9.10 9.83
C SER A 138 8.93 10.46 10.52
N LEU A 139 7.73 10.84 10.96
CA LEU A 139 7.59 12.01 11.83
C LEU A 139 8.29 11.81 13.17
N LYS A 140 8.02 10.70 13.87
CA LYS A 140 8.65 10.51 15.17
C LYS A 140 10.17 10.52 15.05
N LEU A 141 10.71 10.05 13.93
CA LEU A 141 12.14 10.06 13.66
C LEU A 141 12.67 11.41 13.19
N GLU A 142 11.82 12.27 12.62
CA GLU A 142 12.16 13.69 12.54
C GLU A 142 12.20 14.34 13.92
N GLU A 143 11.23 14.00 14.78
CA GLU A 143 11.14 14.64 16.08
C GLU A 143 12.40 14.40 16.92
N ARG A 144 12.86 13.15 17.02
CA ARG A 144 14.02 12.88 17.86
C ARG A 144 15.29 13.59 17.38
N LYS A 145 15.47 13.73 16.06
CA LYS A 145 16.63 14.48 15.55
C LYS A 145 16.57 15.94 15.97
N ILE A 146 15.42 16.58 15.75
CA ILE A 146 15.27 17.99 16.11
C ILE A 146 15.42 18.18 17.61
N ILE A 147 14.81 17.28 18.39
CA ILE A 147 14.95 17.30 19.84
C ILE A 147 16.41 17.21 20.26
N GLU A 148 17.16 16.26 19.70
CA GLU A 148 18.56 16.11 20.09
C GLU A 148 19.40 17.33 19.72
N LYS A 149 19.10 17.95 18.57
CA LYS A 149 19.74 19.22 18.24
C LYS A 149 19.40 20.31 19.25
N ALA A 150 18.13 20.38 19.66
CA ALA A 150 17.69 21.38 20.62
C ALA A 150 18.37 21.18 21.97
N LYS A 151 18.47 19.94 22.43
CA LYS A 151 19.25 19.65 23.63
C LYS A 151 20.65 20.22 23.47
N GLY A 152 21.31 19.93 22.35
CA GLY A 152 22.69 20.34 22.17
C GLY A 152 22.88 21.85 22.20
N ILE A 153 22.09 22.57 21.41
CA ILE A 153 22.21 24.03 21.36
C ILE A 153 21.85 24.66 22.71
N LEU A 154 20.80 24.15 23.38
CA LEU A 154 20.43 24.70 24.67
C LEU A 154 21.52 24.48 25.72
N VAL A 155 22.13 23.31 25.73
CA VAL A 155 23.27 23.06 26.62
C VAL A 155 24.42 24.01 26.33
N LYS A 156 24.73 24.24 25.05
CA LYS A 156 25.81 25.18 24.72
C LYS A 156 25.51 26.59 25.22
N GLU A 157 24.28 27.07 25.03
CA GLU A 157 24.01 28.45 25.47
C GLU A 157 24.00 28.57 27.00
N ASN A 158 23.24 27.73 27.69
CA ASN A 158 23.14 27.83 29.16
C ASN A 158 24.33 27.26 29.93
N HIS A 159 25.09 26.30 29.39
CA HIS A 159 26.16 25.59 30.13
C HIS A 159 25.62 24.67 31.24
N ILE A 160 24.65 23.82 30.91
CA ILE A 160 23.94 22.97 31.86
C ILE A 160 23.82 21.55 31.31
N SER A 161 23.29 20.63 32.14
CA SER A 161 23.23 19.22 31.82
C SER A 161 22.04 18.84 30.92
N GLU A 162 22.13 17.64 30.34
CA GLU A 162 21.04 17.10 29.50
C GLU A 162 19.73 16.93 30.26
N GLU A 163 19.80 16.58 31.54
CA GLU A 163 18.57 16.44 32.31
C GLU A 163 17.85 17.78 32.41
N GLU A 164 18.62 18.84 32.64
CA GLU A 164 18.03 20.18 32.72
C GLU A 164 17.55 20.65 31.35
N ALA A 165 18.27 20.29 30.28
CA ALA A 165 17.82 20.67 28.93
C ALA A 165 16.48 20.01 28.59
N TYR A 166 16.34 18.71 28.87
CA TYR A 166 15.06 18.04 28.68
C TYR A 166 13.98 18.66 29.57
N GLN A 167 14.33 18.98 30.83
CA GLN A 167 13.36 19.61 31.74
C GLN A 167 12.90 20.98 31.23
N MET A 168 13.81 21.75 30.63
CA MET A 168 13.40 23.01 30.00
C MET A 168 12.42 22.77 28.87
N LEU A 169 12.74 21.85 27.95
CA LEU A 169 11.84 21.60 26.84
C LEU A 169 10.48 21.07 27.33
N ARG A 170 10.49 20.19 28.33
CA ARG A 170 9.26 19.61 28.86
C ARG A 170 8.39 20.65 29.54
N THR A 171 9.00 21.55 30.32
CA THR A 171 8.24 22.61 30.95
C THR A 171 7.71 23.62 29.94
N LEU A 172 8.52 24.00 28.95
CA LEU A 172 8.04 24.93 27.93
C LEU A 172 6.88 24.34 27.13
N SER A 173 7.06 23.14 26.61
CA SER A 173 6.02 22.53 25.78
C SER A 173 4.72 22.39 26.55
N MET A 174 4.80 21.98 27.82
CA MET A 174 3.60 21.86 28.63
C MET A 174 2.97 23.22 28.92
N ASN A 175 3.77 24.19 29.37
CA ASN A 175 3.24 25.53 29.64
C ASN A 175 2.62 26.15 28.39
N LYS A 176 3.28 26.01 27.25
CA LYS A 176 2.86 26.65 26.02
C LYS A 176 1.94 25.74 25.18
N ARG A 177 1.51 24.61 25.75
CA ARG A 177 0.53 23.71 25.12
C ARG A 177 0.92 23.32 23.70
N ALA A 178 2.18 22.92 23.52
CA ALA A 178 2.69 22.61 22.20
C ALA A 178 3.69 21.46 22.27
N ARG A 179 3.75 20.68 21.19
CA ARG A 179 4.62 19.51 21.16
C ARG A 179 6.06 19.91 21.42
N MET A 180 6.77 19.11 22.21
CA MET A 180 8.19 19.37 22.44
C MET A 180 8.92 19.47 21.10
N SER A 181 8.46 18.70 20.12
CA SER A 181 9.02 18.75 18.77
C SER A 181 8.95 20.15 18.15
N GLU A 182 7.83 20.83 18.29
CA GLU A 182 7.70 22.16 17.68
C GLU A 182 8.55 23.21 18.40
N ILE A 183 8.55 23.16 19.73
CA ILE A 183 9.40 24.05 20.52
C ILE A 183 10.85 23.86 20.12
N ALA A 184 11.27 22.60 19.96
CA ALA A 184 12.63 22.31 19.54
C ALA A 184 12.93 22.86 18.15
N GLU A 185 11.96 22.78 17.23
CA GLU A 185 12.23 23.35 15.90
C GLU A 185 12.54 24.83 15.99
N LEU A 186 11.78 25.55 16.81
CA LEU A 186 12.04 26.98 16.97
C LEU A 186 13.42 27.24 17.58
N ILE A 187 13.74 26.55 18.67
CA ILE A 187 15.05 26.73 19.32
C ILE A 187 16.20 26.40 18.37
N VAL A 188 16.04 25.38 17.52
CA VAL A 188 17.10 25.02 16.58
C VAL A 188 17.23 26.04 15.46
N MET A 189 16.11 26.60 15.01
CA MET A 189 16.15 27.68 14.03
C MET A 189 16.77 28.94 14.63
N ASP A 190 16.62 29.11 15.95
CA ASP A 190 17.13 30.30 16.65
C ASP A 190 18.62 30.54 16.40
N ASP A 191 19.47 29.54 16.57
CA ASP A 191 20.90 29.77 16.38
C ASP A 191 21.33 29.75 14.92
N SER B 1 1.04 -8.44 -25.77
CA SER B 1 2.35 -9.05 -26.15
C SER B 1 3.34 -9.04 -24.97
N ASN B 2 3.96 -10.19 -24.73
CA ASN B 2 5.09 -10.36 -23.80
C ASN B 2 4.86 -9.70 -22.43
N MET B 3 3.74 -10.06 -21.79
CA MET B 3 3.57 -9.74 -20.38
C MET B 3 4.61 -10.46 -19.53
N ASP B 4 5.00 -9.84 -18.42
CA ASP B 4 5.86 -10.48 -17.44
C ASP B 4 5.12 -10.66 -16.11
N GLY B 5 5.19 -11.89 -15.58
CA GLY B 5 4.70 -12.21 -14.25
C GLY B 5 4.70 -13.70 -14.00
N ARG B 6 4.82 -14.11 -12.74
CA ARG B 6 4.87 -15.52 -12.35
C ARG B 6 3.60 -15.89 -11.57
N ILE B 7 2.87 -16.90 -12.07
CA ILE B 7 1.51 -17.21 -11.60
C ILE B 7 1.39 -18.67 -11.15
N VAL B 8 0.50 -18.90 -10.18
CA VAL B 8 0.06 -20.23 -9.78
C VAL B 8 -1.47 -20.35 -9.81
N ILE B 9 -1.96 -21.47 -10.34
CA ILE B 9 -3.37 -21.70 -10.65
C ILE B 9 -3.94 -22.78 -9.73
N VAL B 10 -5.11 -22.52 -9.13
CA VAL B 10 -5.63 -23.38 -8.07
C VAL B 10 -7.14 -23.63 -8.19
N ASP B 11 -7.54 -24.79 -8.69
CA ASP B 11 -8.96 -25.12 -8.82
C ASP B 11 -9.13 -26.64 -8.89
N ASP B 12 -10.30 -27.11 -8.45
CA ASP B 12 -10.58 -28.55 -8.42
C ASP B 12 -11.11 -29.08 -9.76
N GLU B 13 -11.61 -28.21 -10.64
CA GLU B 13 -12.10 -28.58 -11.96
C GLU B 13 -10.98 -28.46 -12.99
N PRO B 14 -10.36 -29.55 -13.43
CA PRO B 14 -9.12 -29.43 -14.21
C PRO B 14 -9.33 -28.74 -15.55
N ILE B 15 -10.51 -28.90 -16.15
CA ILE B 15 -10.87 -28.16 -17.37
C ILE B 15 -10.69 -26.66 -17.18
N THR B 16 -11.09 -26.12 -16.02
CA THR B 16 -10.92 -24.68 -15.82
C THR B 16 -9.46 -24.33 -15.60
N ARG B 17 -8.69 -25.20 -14.94
CA ARG B 17 -7.26 -24.93 -14.82
C ARG B 17 -6.61 -24.87 -16.19
N LEU B 18 -7.03 -25.72 -17.12
CA LEU B 18 -6.47 -25.69 -18.47
C LEU B 18 -6.91 -24.46 -19.25
N ASP B 19 -8.20 -24.08 -19.17
CA ASP B 19 -8.64 -22.85 -19.82
C ASP B 19 -7.84 -21.64 -19.34
N ILE B 20 -7.66 -21.54 -18.02
CA ILE B 20 -6.87 -20.45 -17.46
C ILE B 20 -5.42 -20.53 -17.93
N ARG B 21 -4.83 -21.72 -17.83
CA ARG B 21 -3.42 -21.89 -18.17
C ARG B 21 -3.17 -21.39 -19.57
N ASP B 22 -4.03 -21.78 -20.50
CA ASP B 22 -3.89 -21.37 -21.89
C ASP B 22 -3.99 -19.85 -22.02
N ILE B 23 -4.91 -19.21 -21.30
CA ILE B 23 -5.02 -17.76 -21.42
C ILE B 23 -3.77 -17.06 -20.91
N VAL B 24 -3.31 -17.41 -19.71
CA VAL B 24 -2.21 -16.67 -19.11
C VAL B 24 -0.90 -16.91 -19.87
N ILE B 25 -0.69 -18.13 -20.35
CA ILE B 25 0.49 -18.39 -21.17
C ILE B 25 0.42 -17.60 -22.48
N GLU B 26 -0.75 -17.54 -23.11
CA GLU B 26 -0.87 -16.77 -24.35
C GLU B 26 -0.58 -15.30 -24.12
N ALA B 27 -1.01 -14.76 -22.97
CA ALA B 27 -0.69 -13.36 -22.66
C ALA B 27 0.82 -13.15 -22.48
N GLY B 28 1.51 -14.16 -21.97
CA GLY B 28 2.97 -14.12 -21.85
C GLY B 28 3.50 -14.40 -20.47
N TYR B 29 2.60 -14.55 -19.50
CA TYR B 29 3.00 -14.88 -18.14
C TYR B 29 3.74 -16.21 -18.09
N GLU B 30 4.38 -16.45 -16.96
CA GLU B 30 4.97 -17.73 -16.63
C GLU B 30 4.07 -18.39 -15.58
N VAL B 31 3.46 -19.52 -15.93
CA VAL B 31 2.89 -20.37 -14.90
C VAL B 31 4.04 -21.17 -14.30
N VAL B 32 4.18 -21.09 -12.99
CA VAL B 32 5.24 -21.80 -12.29
C VAL B 32 4.73 -23.00 -11.52
N GLY B 33 3.43 -23.11 -11.25
CA GLY B 33 2.88 -24.31 -10.65
C GLY B 33 1.37 -24.28 -10.64
N GLU B 34 0.78 -25.43 -10.28
CA GLU B 34 -0.66 -25.56 -10.13
C GLU B 34 -0.97 -26.40 -8.89
N ALA B 35 -2.19 -26.28 -8.40
CA ALA B 35 -2.69 -27.11 -7.31
C ALA B 35 -4.18 -27.39 -7.48
N ALA B 36 -4.66 -28.38 -6.74
CA ALA B 36 -6.04 -28.82 -6.79
C ALA B 36 -6.69 -28.89 -5.41
N ASP B 37 -6.04 -28.38 -4.38
CA ASP B 37 -6.61 -28.28 -3.05
C ASP B 37 -5.79 -27.25 -2.28
N GLY B 38 -6.30 -26.82 -1.13
CA GLY B 38 -5.59 -25.80 -0.35
C GLY B 38 -4.22 -26.22 0.15
N PHE B 39 -4.02 -27.51 0.44
CA PHE B 39 -2.74 -27.95 1.03
C PHE B 39 -1.61 -27.90 0.01
N GLU B 40 -1.87 -28.41 -1.18
CA GLU B 40 -0.94 -28.17 -2.28
C GLU B 40 -0.81 -26.70 -2.65
N ALA B 41 -1.85 -25.90 -2.46
CA ALA B 41 -1.69 -24.49 -2.78
C ALA B 41 -0.65 -23.83 -1.88
N ILE B 42 -0.70 -24.09 -0.57
CA ILE B 42 0.33 -23.52 0.29
C ILE B 42 1.70 -24.10 -0.05
N GLU B 43 1.80 -25.43 -0.20
CA GLU B 43 3.11 -26.02 -0.45
C GLU B 43 3.73 -25.49 -1.75
N VAL B 44 2.93 -25.38 -2.81
CA VAL B 44 3.44 -24.86 -4.06
C VAL B 44 3.90 -23.41 -3.90
N CYS B 45 3.15 -22.60 -3.14
CA CYS B 45 3.63 -21.23 -2.96
C CYS B 45 4.95 -21.21 -2.19
N LYS B 46 5.08 -22.07 -1.18
CA LYS B 46 6.33 -22.12 -0.45
C LYS B 46 7.50 -22.33 -1.40
N LYS B 47 7.34 -23.26 -2.35
CA LYS B 47 8.44 -23.54 -3.27
C LYS B 47 8.63 -22.42 -4.30
N THR B 48 7.55 -22.03 -4.98
CA THR B 48 7.60 -21.10 -6.11
C THR B 48 7.74 -19.62 -5.75
N GLN B 49 7.12 -19.16 -4.65
CA GLN B 49 7.00 -17.74 -4.33
C GLN B 49 6.51 -16.90 -5.50
N PRO B 50 5.28 -17.12 -5.96
CA PRO B 50 4.79 -16.51 -7.19
C PRO B 50 4.34 -15.07 -6.98
N ASP B 51 4.20 -14.38 -8.12
CA ASP B 51 3.65 -13.02 -8.06
C ASP B 51 2.15 -13.06 -7.76
N LEU B 52 1.41 -13.96 -8.41
CA LEU B 52 -0.05 -14.02 -8.24
C LEU B 52 -0.55 -15.45 -8.09
N VAL B 53 -1.53 -15.63 -7.19
CA VAL B 53 -2.28 -16.88 -7.07
C VAL B 53 -3.75 -16.68 -7.48
N LEU B 54 -4.22 -17.55 -8.38
CA LEU B 54 -5.62 -17.62 -8.77
C LEU B 54 -6.28 -18.85 -8.17
N MET B 55 -7.29 -18.67 -7.30
CA MET B 55 -7.87 -19.86 -6.67
C MET B 55 -9.39 -19.79 -6.45
N ASP B 56 -10.05 -20.96 -6.61
CA ASP B 56 -11.45 -21.13 -6.25
C ASP B 56 -11.61 -21.20 -4.73
N ILE B 57 -12.80 -20.83 -4.26
CA ILE B 57 -13.15 -20.99 -2.85
C ILE B 57 -13.42 -22.45 -2.50
N GLN B 58 -14.33 -23.08 -3.22
CA GLN B 58 -14.77 -24.45 -2.86
C GLN B 58 -13.71 -25.40 -3.38
N MET B 59 -12.84 -25.84 -2.49
CA MET B 59 -11.80 -26.81 -2.85
C MET B 59 -11.75 -27.81 -1.72
N PRO B 60 -11.27 -29.05 -1.95
CA PRO B 60 -11.29 -30.04 -0.92
C PRO B 60 -10.14 -29.84 0.07
N ILE B 61 -10.18 -30.47 1.23
CA ILE B 61 -9.07 -30.47 2.22
C ILE B 61 -9.03 -29.12 2.89
N LEU B 62 -8.83 -28.04 2.14
CA LEU B 62 -8.70 -26.70 2.71
C LEU B 62 -9.31 -25.69 1.73
N ASP B 63 -10.40 -25.03 2.12
CA ASP B 63 -11.03 -24.09 1.20
C ASP B 63 -10.05 -22.99 0.87
N GLY B 64 -10.21 -22.45 -0.32
CA GLY B 64 -9.32 -21.43 -0.83
C GLY B 64 -9.15 -20.27 0.11
N LEU B 65 -10.17 -19.97 0.91
CA LEU B 65 -10.05 -18.93 1.92
C LEU B 65 -9.03 -19.27 3.00
N LYS B 66 -8.97 -20.53 3.44
CA LYS B 66 -8.02 -20.90 4.50
C LYS B 66 -6.58 -20.94 3.97
N ALA B 67 -6.40 -21.49 2.76
CA ALA B 67 -5.09 -21.42 2.13
C ALA B 67 -4.71 -19.98 1.79
N GLY B 68 -5.68 -19.17 1.41
CA GLY B 68 -5.39 -17.77 1.12
C GLY B 68 -4.93 -17.02 2.35
N LYS B 69 -5.56 -17.27 3.50
CA LYS B 69 -5.09 -16.62 4.71
C LYS B 69 -3.65 -16.98 4.97
N LYS B 70 -3.35 -18.28 4.94
CA LYS B 70 -1.99 -18.74 5.23
C LYS B 70 -1.00 -18.10 4.26
N ILE B 71 -1.29 -18.17 2.97
CA ILE B 71 -0.39 -17.62 1.95
C ILE B 71 -0.12 -16.15 2.19
N VAL B 72 -1.15 -15.36 2.50
CA VAL B 72 -0.95 -13.93 2.70
C VAL B 72 -0.14 -13.65 3.97
N GLN B 73 -0.51 -14.27 5.07
CA GLN B 73 0.10 -13.89 6.34
C GLN B 73 1.56 -14.37 6.44
N ASP B 74 1.90 -15.49 5.81
CA ASP B 74 3.31 -15.88 5.66
C ASP B 74 3.97 -15.35 4.37
N GLN B 75 3.31 -14.47 3.63
CA GLN B 75 3.85 -13.82 2.43
C GLN B 75 4.37 -14.78 1.35
N LEU B 76 3.80 -15.98 1.27
CA LEU B 76 4.26 -16.98 0.31
C LEU B 76 3.99 -16.57 -1.13
N ALA B 77 3.14 -15.57 -1.36
CA ALA B 77 2.90 -15.01 -2.67
C ALA B 77 2.57 -13.53 -2.53
N SER B 78 2.96 -12.73 -3.53
CA SER B 78 2.86 -11.28 -3.35
C SER B 78 1.44 -10.76 -3.55
N SER B 79 0.60 -11.47 -4.31
CA SER B 79 -0.80 -11.07 -4.49
C SER B 79 -1.66 -12.30 -4.77
N ILE B 80 -2.97 -12.17 -4.49
CA ILE B 80 -3.90 -13.30 -4.59
C ILE B 80 -5.27 -12.80 -5.06
N VAL B 81 -5.85 -13.52 -6.03
CA VAL B 81 -7.13 -13.18 -6.65
C VAL B 81 -8.03 -14.42 -6.67
N PHE B 82 -9.23 -14.31 -6.11
CA PHE B 82 -10.16 -15.41 -6.09
C PHE B 82 -10.97 -15.49 -7.39
N LEU B 83 -11.50 -16.68 -7.66
CA LEU B 83 -12.32 -16.92 -8.85
C LEU B 83 -13.28 -18.07 -8.55
N SER B 84 -14.52 -17.73 -8.21
CA SER B 84 -15.49 -18.70 -7.73
C SER B 84 -16.89 -18.41 -8.24
N ALA B 85 -17.73 -19.45 -8.27
CA ALA B 85 -19.16 -19.23 -8.41
C ALA B 85 -19.74 -18.59 -7.16
N TYR B 86 -19.10 -18.83 -6.02
CA TYR B 86 -19.57 -18.27 -4.76
C TYR B 86 -19.33 -16.76 -4.79
N SER B 87 -20.40 -15.98 -4.68
CA SER B 87 -20.34 -14.53 -4.53
C SER B 87 -20.95 -14.14 -3.18
N ASP B 88 -21.22 -15.15 -2.36
CA ASP B 88 -21.90 -15.01 -1.09
C ASP B 88 -21.26 -13.89 -0.28
N VAL B 89 -22.11 -13.08 0.37
CA VAL B 89 -21.60 -11.93 1.11
C VAL B 89 -20.58 -12.34 2.17
N GLN B 90 -20.80 -13.48 2.84
CA GLN B 90 -19.80 -13.96 3.79
C GLN B 90 -18.49 -14.32 3.10
N ASN B 91 -18.55 -14.84 1.88
CA ASN B 91 -17.31 -15.18 1.19
C ASN B 91 -16.55 -13.92 0.74
N THR B 92 -17.26 -12.88 0.31
CA THR B 92 -16.58 -11.63 -0.03
C THR B 92 -15.98 -10.97 1.20
N ASP B 93 -16.68 -11.02 2.35
CA ASP B 93 -16.08 -10.50 3.58
C ASP B 93 -14.80 -11.26 3.94
N LYS B 94 -14.86 -12.59 3.91
CA LYS B 94 -13.65 -13.37 4.24
C LYS B 94 -12.51 -13.09 3.27
N ALA B 95 -12.80 -13.07 1.96
CA ALA B 95 -11.75 -12.83 0.98
C ALA B 95 -11.13 -11.45 1.08
N LYS B 96 -11.93 -10.40 1.30
CA LYS B 96 -11.32 -9.07 1.43
C LYS B 96 -10.53 -8.95 2.74
N LYS B 97 -11.06 -9.51 3.82
CA LYS B 97 -10.37 -9.40 5.11
C LYS B 97 -9.00 -10.07 5.04
N LEU B 98 -8.94 -11.30 4.53
CA LEU B 98 -7.65 -11.99 4.47
C LEU B 98 -6.68 -11.31 3.52
N GLY B 99 -7.16 -10.65 2.46
CA GLY B 99 -6.30 -9.75 1.71
C GLY B 99 -6.22 -9.96 0.22
N ALA B 100 -7.33 -10.38 -0.37
CA ALA B 100 -7.43 -10.46 -1.81
C ALA B 100 -7.21 -9.10 -2.47
N LEU B 101 -6.78 -9.15 -3.73
CA LEU B 101 -6.65 -7.97 -4.58
C LEU B 101 -7.64 -7.99 -5.74
N GLY B 102 -8.40 -9.07 -5.86
CA GLY B 102 -9.48 -9.14 -6.84
C GLY B 102 -10.33 -10.36 -6.58
N TYR B 103 -11.57 -10.28 -7.03
CA TYR B 103 -12.52 -11.38 -6.84
C TYR B 103 -13.40 -11.40 -8.08
N LEU B 104 -12.99 -12.19 -9.07
CA LEU B 104 -13.81 -12.43 -10.26
C LEU B 104 -14.76 -13.58 -9.98
N VAL B 105 -15.81 -13.68 -10.79
CA VAL B 105 -16.85 -14.66 -10.57
C VAL B 105 -17.01 -15.55 -11.78
N LYS B 106 -17.15 -16.85 -11.52
CA LYS B 106 -17.39 -17.86 -12.55
C LYS B 106 -18.82 -17.73 -13.07
N PRO B 107 -19.07 -18.09 -14.34
CA PRO B 107 -18.09 -18.41 -15.38
C PRO B 107 -17.40 -17.16 -15.85
N LEU B 108 -16.09 -17.29 -16.03
CA LEU B 108 -15.21 -16.14 -16.16
C LEU B 108 -15.46 -15.36 -17.44
N ASP B 109 -15.37 -14.02 -17.32
CA ASP B 109 -15.20 -13.13 -18.47
C ASP B 109 -13.71 -12.99 -18.78
N GLU B 110 -13.29 -13.68 -19.84
CA GLU B 110 -11.87 -13.80 -20.18
C GLU B 110 -11.21 -12.46 -20.48
N LYS B 111 -11.95 -11.50 -21.04
CA LYS B 111 -11.40 -10.18 -21.32
C LYS B 111 -10.85 -9.53 -20.06
N SER B 112 -11.61 -9.67 -18.98
CA SER B 112 -11.39 -9.00 -17.71
C SER B 112 -10.21 -9.58 -16.95
N LEU B 113 -9.93 -10.87 -17.14
CA LEU B 113 -8.88 -11.55 -16.36
C LEU B 113 -7.52 -10.88 -16.46
N ILE B 114 -7.03 -10.62 -17.68
CA ILE B 114 -5.66 -10.15 -17.82
C ILE B 114 -5.44 -8.76 -17.21
N PRO B 115 -6.33 -7.79 -17.43
CA PRO B 115 -6.18 -6.52 -16.68
C PRO B 115 -6.15 -6.70 -15.18
N THR B 116 -7.06 -7.48 -14.61
CA THR B 116 -7.06 -7.64 -13.17
C THR B 116 -5.78 -8.31 -12.69
N ILE B 117 -5.19 -9.18 -13.52
CA ILE B 117 -3.88 -9.75 -13.20
C ILE B 117 -2.82 -8.66 -13.11
N GLU B 118 -2.72 -7.82 -14.13
CA GLU B 118 -1.69 -6.77 -14.08
C GLU B 118 -1.86 -5.88 -12.85
N MET B 119 -3.09 -5.41 -12.61
CA MET B 119 -3.31 -4.56 -11.43
C MET B 119 -2.89 -5.28 -10.15
N SER B 120 -3.32 -6.53 -9.99
CA SER B 120 -3.08 -7.23 -8.74
C SER B 120 -1.59 -7.51 -8.52
N ILE B 121 -0.83 -7.77 -9.59
CA ILE B 121 0.62 -7.91 -9.47
C ILE B 121 1.24 -6.62 -8.98
N GLU B 122 0.88 -5.48 -9.58
CA GLU B 122 1.49 -4.22 -9.17
C GLU B 122 1.11 -3.86 -7.73
N ARG B 123 -0.18 -3.93 -7.40
CA ARG B 123 -0.61 -3.65 -6.03
C ARG B 123 0.09 -4.55 -5.03
N GLY B 124 0.33 -5.81 -5.39
CA GLY B 124 1.06 -6.71 -4.50
C GLY B 124 2.48 -6.26 -4.27
N LYS B 125 3.18 -5.90 -5.34
CA LYS B 125 4.53 -5.37 -5.21
C LYS B 125 4.54 -4.11 -4.34
N GLN B 126 3.72 -3.12 -4.70
CA GLN B 126 3.70 -1.87 -3.94
C GLN B 126 3.42 -2.10 -2.46
N THR B 127 2.47 -2.98 -2.14
CA THR B 127 2.17 -3.26 -0.74
C THR B 127 3.38 -3.84 -0.01
N GLN B 128 4.16 -4.68 -0.68
CA GLN B 128 5.41 -5.17 -0.09
C GLN B 128 6.49 -4.09 0.02
N LEU B 129 6.54 -3.12 -0.91
CA LEU B 129 7.47 -2.01 -0.73
C LEU B 129 7.13 -1.21 0.52
N LEU B 130 5.85 -0.90 0.70
CA LEU B 130 5.47 -0.12 1.87
C LEU B 130 5.77 -0.89 3.15
N LEU B 131 5.53 -2.20 3.17
CA LEU B 131 5.87 -2.98 4.36
C LEU B 131 7.37 -3.01 4.61
N SER B 132 8.17 -2.97 3.56
CA SER B 132 9.62 -2.88 3.73
C SER B 132 10.03 -1.51 4.25
N GLN B 133 9.39 -0.45 3.78
CA GLN B 133 9.72 0.89 4.29
C GLN B 133 9.37 1.01 5.76
N ILE B 134 8.27 0.38 6.19
CA ILE B 134 7.95 0.39 7.62
C ILE B 134 9.01 -0.35 8.42
N ASP B 135 9.43 -1.54 7.94
CA ASP B 135 10.48 -2.26 8.67
C ASP B 135 11.77 -1.45 8.76
N LYS B 136 12.17 -0.80 7.66
CA LYS B 136 13.39 0.00 7.66
C LYS B 136 13.31 1.20 8.61
N LEU B 137 12.19 1.94 8.60
CA LEU B 137 12.06 3.05 9.53
C LEU B 137 12.09 2.58 10.97
N SER B 138 11.28 1.58 11.31
CA SER B 138 11.20 1.17 12.70
C SER B 138 12.54 0.63 13.21
N LEU B 139 13.30 -0.06 12.35
CA LEU B 139 14.68 -0.40 12.70
C LEU B 139 15.57 0.82 12.94
N LYS B 140 15.55 1.78 12.00
CA LYS B 140 16.42 2.94 12.13
C LYS B 140 16.09 3.77 13.37
N LEU B 141 14.82 3.76 13.77
CA LEU B 141 14.39 4.37 15.02
C LEU B 141 14.90 3.64 16.26
N GLU B 142 15.17 2.35 16.16
CA GLU B 142 15.83 1.64 17.26
C GLU B 142 17.34 1.92 17.30
N GLU B 143 17.98 2.06 16.14
CA GLU B 143 19.41 2.40 16.08
C GLU B 143 19.71 3.70 16.83
N ARG B 144 18.75 4.62 16.85
CA ARG B 144 18.92 5.94 17.45
C ARG B 144 19.43 5.89 18.89
N LYS B 145 18.98 4.93 19.70
CA LYS B 145 19.41 4.91 21.10
C LYS B 145 20.91 4.58 21.24
N ILE B 146 21.43 3.73 20.34
CA ILE B 146 22.86 3.43 20.35
C ILE B 146 23.65 4.62 19.85
N ILE B 147 23.16 5.26 18.79
CA ILE B 147 23.82 6.45 18.27
C ILE B 147 23.85 7.56 19.32
N GLU B 148 22.75 7.76 20.06
CA GLU B 148 22.73 8.75 21.13
C GLU B 148 23.74 8.44 22.25
N LYS B 149 24.01 7.17 22.54
CA LYS B 149 25.15 6.91 23.44
C LYS B 149 26.50 7.26 22.81
N ALA B 150 26.70 6.91 21.53
CA ALA B 150 28.00 7.23 20.91
C ALA B 150 28.25 8.73 20.85
N LYS B 151 27.21 9.51 20.54
CA LYS B 151 27.27 10.96 20.64
C LYS B 151 27.70 11.45 22.02
N GLY B 152 27.04 10.96 23.07
CA GLY B 152 27.41 11.38 24.42
C GLY B 152 28.86 11.10 24.74
N ILE B 153 29.37 9.96 24.26
CA ILE B 153 30.76 9.61 24.49
C ILE B 153 31.69 10.57 23.74
N LEU B 154 31.34 10.95 22.51
CA LEU B 154 32.20 11.90 21.80
C LEU B 154 32.24 13.25 22.50
N VAL B 155 31.09 13.77 22.93
CA VAL B 155 31.09 15.09 23.57
C VAL B 155 31.92 15.08 24.86
N LYS B 156 31.90 13.98 25.61
CA LYS B 156 32.76 13.95 26.79
C LYS B 156 34.23 13.85 26.41
N GLU B 157 34.57 12.90 25.55
CA GLU B 157 35.99 12.60 25.36
C GLU B 157 36.72 13.68 24.58
N ASN B 158 36.09 14.25 23.58
CA ASN B 158 36.66 15.42 22.91
C ASN B 158 36.49 16.74 23.65
N HIS B 159 35.46 16.87 24.49
CA HIS B 159 35.07 18.15 25.10
C HIS B 159 34.59 19.16 24.03
N ILE B 160 33.45 18.82 23.41
CA ILE B 160 32.89 19.56 22.26
C ILE B 160 31.36 19.59 22.33
N SER B 161 30.76 20.38 21.44
CA SER B 161 29.30 20.49 21.32
C SER B 161 28.64 19.26 20.70
N GLU B 162 27.35 19.09 21.03
CA GLU B 162 26.55 18.03 20.41
C GLU B 162 26.52 18.12 18.88
N GLU B 163 26.36 19.32 18.34
CA GLU B 163 26.34 19.45 16.89
C GLU B 163 27.70 19.13 16.29
N GLU B 164 28.77 19.43 17.02
CA GLU B 164 30.10 19.05 16.58
C GLU B 164 30.31 17.55 16.70
N ALA B 165 29.82 16.96 17.80
CA ALA B 165 30.00 15.52 18.00
C ALA B 165 29.25 14.72 16.94
N TYR B 166 28.01 15.09 16.64
CA TYR B 166 27.30 14.42 15.56
C TYR B 166 27.99 14.67 14.23
N GLN B 167 28.43 15.90 13.96
CA GLN B 167 29.10 16.15 12.69
C GLN B 167 30.38 15.32 12.55
N MET B 168 31.07 15.08 13.67
CA MET B 168 32.21 14.17 13.67
C MET B 168 31.78 12.74 13.38
N LEU B 169 30.74 12.26 14.05
CA LEU B 169 30.30 10.89 13.86
C LEU B 169 29.81 10.65 12.44
N ARG B 170 29.06 11.61 11.89
CA ARG B 170 28.59 11.50 10.53
C ARG B 170 29.75 11.50 9.54
N THR B 171 30.68 12.45 9.67
CA THR B 171 31.78 12.51 8.72
C THR B 171 32.66 11.26 8.84
N LEU B 172 32.86 10.73 10.05
CA LEU B 172 33.54 9.46 10.21
C LEU B 172 32.81 8.33 9.51
N SER B 173 31.51 8.20 9.76
CA SER B 173 30.77 7.05 9.24
C SER B 173 30.68 7.10 7.72
N MET B 174 30.64 8.29 7.13
CA MET B 174 30.79 8.41 5.68
C MET B 174 32.21 8.09 5.20
N ASN B 175 33.22 8.63 5.89
CA ASN B 175 34.60 8.35 5.50
C ASN B 175 34.91 6.86 5.52
N LYS B 176 34.58 6.19 6.62
CA LYS B 176 34.69 4.74 6.72
C LYS B 176 33.51 4.01 6.11
N ARG B 177 32.62 4.75 5.44
CA ARG B 177 31.55 4.17 4.64
C ARG B 177 30.82 3.01 5.33
N ALA B 178 30.43 3.23 6.60
CA ALA B 178 29.74 2.21 7.40
C ALA B 178 28.54 2.83 8.12
N ARG B 179 27.57 1.99 8.45
CA ARG B 179 26.30 2.47 9.03
C ARG B 179 26.59 3.15 10.37
N MET B 180 26.05 4.35 10.57
CA MET B 180 26.29 5.06 11.83
C MET B 180 26.04 4.16 13.03
N SER B 181 25.02 3.29 12.95
CA SER B 181 24.82 2.35 14.05
C SER B 181 26.04 1.46 14.28
N GLU B 182 26.71 1.03 13.21
CA GLU B 182 27.88 0.17 13.35
C GLU B 182 29.07 0.92 13.95
N ILE B 183 29.24 2.19 13.55
CA ILE B 183 30.28 3.04 14.14
C ILE B 183 29.95 3.36 15.59
N ALA B 184 28.67 3.56 15.89
CA ALA B 184 28.24 3.82 17.25
C ALA B 184 28.48 2.63 18.16
N GLU B 185 28.21 1.41 17.68
CA GLU B 185 28.58 0.22 18.44
C GLU B 185 30.08 0.18 18.71
N LEU B 186 30.89 0.45 17.68
CA LEU B 186 32.34 0.42 17.86
C LEU B 186 32.83 1.44 18.89
N ILE B 187 32.34 2.68 18.82
CA ILE B 187 32.72 3.69 19.80
C ILE B 187 32.27 3.30 21.21
N VAL B 188 31.01 2.88 21.35
CA VAL B 188 30.49 2.61 22.69
C VAL B 188 31.21 1.44 23.36
N MET B 189 31.57 0.42 22.58
CA MET B 189 32.41 -0.64 23.17
C MET B 189 33.84 -0.20 23.39
N ASP B 190 34.35 0.72 22.57
CA ASP B 190 35.69 1.25 22.79
C ASP B 190 35.82 2.04 24.09
N ASP B 191 34.77 2.73 24.51
CA ASP B 191 34.78 3.39 25.82
C ASP B 191 34.78 2.40 26.98
N GLU B 192 34.23 1.22 26.77
CA GLU B 192 33.92 0.34 27.88
C GLU B 192 35.13 0.07 28.75
#